data_2Y6F
#
_entry.id   2Y6F
#
_cell.length_a   47.396
_cell.length_b   73.349
_cell.length_c   102.476
_cell.angle_alpha   90.00
_cell.angle_beta   90.00
_cell.angle_gamma   90.00
#
_symmetry.space_group_name_H-M   'P 21 21 21'
#
loop_
_entity.id
_entity.type
_entity.pdbx_description
1 polymer 'ISOPENICILLIN N SYNTHASE'
2 non-polymer '(2S)-2-AMINO-6-[[(2R)-1-[[(2S)-1-HYDROXY-3-METHYLSULFANYL-1-OXO-BUTAN-2-YL]AMINO]-1-OXO-3-SULFANYL-PROPAN-2-YL]AMINO]-6-OXO-HEXANOIC ACID'
3 non-polymer 'FE (III) ION'
4 non-polymer 'SULFATE ION'
5 water water
#
_entity_poly.entity_id   1
_entity_poly.type   'polypeptide(L)'
_entity_poly.pdbx_seq_one_letter_code
;MGSVSKANVPKIDVSPLFGDDQAAKMRVAQQIDAASRDTGFFYAVNHGINVQRLSQKTKEFHMSITPEEKWDLAIRAYNK
EHQDQVRAGYYLSIPGKKAVESFCYLNPNFTPDHPRIQAKTPTHEVNVWPDETKHPGFQDFAEQYYWDVFGLSSALLKGY
ALALGKEENFFARHFKPDDTLASVVLIRYPYLDPYPEAAIKTAADGTKLSFEWHEDVSLITVLYQSNVQNLQVETAAGYQ
DIEADDTGYLINCGSYMAHLTNNYYKAPIHRVKWVNAERQSLPFFVNLGYDSVIDPFDPREPNGKSDREPLSYGDYLQNG
LVSLINKNGQT
;
_entity_poly.pdbx_strand_id   A
#
# COMPACT_ATOMS: atom_id res chain seq x y z
N VAL A 4 -17.31 1.08 19.56
CA VAL A 4 -16.80 2.20 18.73
C VAL A 4 -17.82 2.44 17.63
N SER A 5 -17.94 3.68 17.17
CA SER A 5 -18.87 3.98 16.09
C SER A 5 -18.19 3.73 14.72
N LYS A 6 -19.01 3.70 13.66
CA LYS A 6 -18.60 3.41 12.28
C LYS A 6 -17.99 4.66 11.59
N ALA A 7 -16.86 4.49 10.89
CA ALA A 7 -16.16 5.57 10.22
C ALA A 7 -16.91 5.90 8.95
N ASN A 8 -16.92 7.19 8.60
CA ASN A 8 -17.47 7.65 7.33
C ASN A 8 -16.53 7.34 6.21
N VAL A 9 -16.87 6.32 5.40
CA VAL A 9 -16.01 5.94 4.26
C VAL A 9 -16.88 5.82 2.98
N PRO A 10 -16.97 6.88 2.19
CA PRO A 10 -17.89 6.87 1.02
C PRO A 10 -17.36 5.97 -0.12
N LYS A 11 -18.29 5.43 -0.92
CA LYS A 11 -17.99 4.70 -2.19
C LYS A 11 -18.02 5.69 -3.35
N ILE A 12 -16.93 5.89 -4.06
CA ILE A 12 -16.89 6.82 -5.19
C ILE A 12 -16.70 5.99 -6.51
N ASP A 13 -17.54 6.23 -7.54
CA ASP A 13 -17.40 5.59 -8.83
C ASP A 13 -16.31 6.35 -9.56
N VAL A 14 -15.14 5.68 -9.73
CA VAL A 14 -13.91 6.30 -10.33
C VAL A 14 -13.86 6.06 -11.88
N SER A 15 -14.88 5.43 -12.48
CA SER A 15 -14.87 5.20 -13.95
C SER A 15 -14.68 6.45 -14.86
N PRO A 16 -15.22 7.65 -14.51
CA PRO A 16 -14.90 8.82 -15.33
C PRO A 16 -13.39 9.17 -15.47
N LEU A 17 -12.56 8.75 -14.53
CA LEU A 17 -11.13 9.07 -14.50
C LEU A 17 -10.37 8.35 -15.63
N PHE A 18 -11.01 7.33 -16.25
CA PHE A 18 -10.40 6.59 -17.38
C PHE A 18 -10.71 7.20 -18.76
N GLY A 19 -11.62 8.18 -18.82
CA GLY A 19 -12.14 8.70 -20.11
C GLY A 19 -11.82 10.19 -20.30
N ASP A 20 -12.61 10.79 -21.20
CA ASP A 20 -12.35 12.12 -21.76
C ASP A 20 -13.46 13.16 -21.45
N ASP A 21 -14.29 12.92 -20.44
CA ASP A 21 -15.33 13.84 -20.02
C ASP A 21 -14.82 14.71 -18.85
N GLN A 22 -14.34 15.91 -19.17
CA GLN A 22 -13.62 16.75 -18.17
C GLN A 22 -14.50 17.20 -16.99
N ALA A 23 -15.75 17.61 -17.26
CA ALA A 23 -16.65 17.98 -16.17
C ALA A 23 -16.98 16.83 -15.24
N ALA A 24 -17.22 15.65 -15.80
CA ALA A 24 -17.45 14.45 -14.96
C ALA A 24 -16.20 14.13 -14.04
N LYS A 25 -15.00 14.29 -14.58
CA LYS A 25 -13.77 14.06 -13.77
C LYS A 25 -13.71 15.08 -12.61
N MET A 26 -14.06 16.34 -12.87
CA MET A 26 -14.19 17.36 -11.76
C MET A 26 -15.14 17.00 -10.62
N ARG A 27 -16.30 16.42 -10.97
CA ARG A 27 -17.23 15.88 -10.00
C ARG A 27 -16.62 14.72 -9.18
N VAL A 28 -15.86 13.84 -9.82
CA VAL A 28 -15.10 12.82 -9.02
C VAL A 28 -14.07 13.47 -8.08
N ALA A 29 -13.28 14.43 -8.61
CA ALA A 29 -12.25 15.19 -7.84
C ALA A 29 -12.85 15.80 -6.53
N GLN A 30 -14.06 16.40 -6.64
CA GLN A 30 -14.66 17.01 -5.47
C GLN A 30 -14.93 15.92 -4.43
N GLN A 31 -15.39 14.74 -4.86
CA GLN A 31 -15.65 13.71 -3.84
C GLN A 31 -14.35 13.21 -3.14
N ILE A 32 -13.25 13.12 -3.90
CA ILE A 32 -11.94 12.78 -3.36
C ILE A 32 -11.47 13.85 -2.38
N ASP A 33 -11.62 15.14 -2.73
CA ASP A 33 -11.33 16.26 -1.77
C ASP A 33 -12.11 16.14 -0.45
N ALA A 34 -13.43 15.95 -0.53
CA ALA A 34 -14.26 15.79 0.70
C ALA A 34 -13.84 14.62 1.63
N ALA A 35 -13.54 13.44 1.04
CA ALA A 35 -13.10 12.31 1.81
C ALA A 35 -11.71 12.54 2.44
N SER A 36 -10.82 13.21 1.71
CA SER A 36 -9.44 13.52 2.16
C SER A 36 -9.39 14.56 3.35
N ARG A 37 -10.35 15.48 3.34
CA ARG A 37 -10.48 16.46 4.43
C ARG A 37 -11.28 15.94 5.68
N ASP A 38 -11.99 14.80 5.51
CA ASP A 38 -12.81 14.21 6.58
C ASP A 38 -12.01 13.07 7.27
N THR A 39 -12.47 11.81 7.21
CA THR A 39 -11.69 10.74 7.84
C THR A 39 -10.37 10.36 7.13
N GLY A 40 -10.25 10.65 5.81
CA GLY A 40 -9.03 10.31 5.14
C GLY A 40 -9.13 9.00 4.34
N PHE A 41 -10.30 8.36 4.35
CA PHE A 41 -10.49 7.09 3.60
C PHE A 41 -11.71 7.12 2.67
N PHE A 42 -11.63 6.45 1.49
CA PHE A 42 -12.83 6.12 0.61
C PHE A 42 -12.70 4.77 -0.12
N TYR A 43 -13.81 4.16 -0.54
CA TYR A 43 -13.74 3.00 -1.46
C TYR A 43 -13.85 3.44 -2.95
N ALA A 44 -12.85 3.07 -3.77
CA ALA A 44 -12.96 3.12 -5.25
C ALA A 44 -13.82 1.99 -5.83
N VAL A 45 -14.97 2.33 -6.42
CA VAL A 45 -15.82 1.31 -7.12
C VAL A 45 -15.87 1.50 -8.67
N ASN A 46 -16.37 0.48 -9.39
CA ASN A 46 -16.31 0.46 -10.89
C ASN A 46 -14.87 0.73 -11.42
N HIS A 47 -13.89 0.01 -10.80
CA HIS A 47 -12.43 0.15 -11.05
C HIS A 47 -11.92 -0.75 -12.21
N GLY A 48 -12.76 -1.68 -12.67
CA GLY A 48 -12.38 -2.53 -13.81
C GLY A 48 -11.50 -3.75 -13.54
N ILE A 49 -11.05 -3.97 -12.29
CA ILE A 49 -10.14 -5.09 -12.05
C ILE A 49 -10.90 -6.33 -11.52
N ASN A 50 -10.47 -7.53 -11.95
CA ASN A 50 -11.12 -8.80 -11.52
C ASN A 50 -10.53 -9.20 -10.16
N VAL A 51 -11.08 -8.68 -9.06
CA VAL A 51 -10.57 -8.97 -7.71
C VAL A 51 -10.92 -10.37 -7.25
N GLN A 52 -11.99 -10.97 -7.74
CA GLN A 52 -12.22 -12.38 -7.34
C GLN A 52 -11.12 -13.32 -7.83
N ARG A 53 -10.65 -13.11 -9.09
CA ARG A 53 -9.54 -13.96 -9.60
C ARG A 53 -8.23 -13.65 -8.84
N LEU A 54 -7.92 -12.37 -8.55
CA LEU A 54 -6.74 -11.99 -7.69
C LEU A 54 -6.75 -12.81 -6.35
N SER A 55 -7.89 -12.78 -5.69
CA SER A 55 -8.07 -13.52 -4.42
C SER A 55 -7.81 -15.02 -4.60
N GLN A 56 -8.39 -15.61 -5.66
CA GLN A 56 -8.24 -17.08 -5.91
C GLN A 56 -6.75 -17.49 -6.23
N LYS A 57 -6.09 -16.71 -7.09
CA LYS A 57 -4.68 -16.96 -7.44
C LYS A 57 -3.77 -16.77 -6.20
N THR A 58 -4.07 -15.74 -5.38
CA THR A 58 -3.22 -15.46 -4.19
C THR A 58 -3.40 -16.64 -3.17
N LYS A 59 -4.64 -17.06 -2.97
CA LYS A 59 -4.96 -18.22 -2.08
C LYS A 59 -4.26 -19.54 -2.56
N GLU A 60 -4.25 -19.79 -3.88
CA GLU A 60 -3.58 -21.01 -4.43
C GLU A 60 -2.06 -21.01 -4.11
N PHE A 61 -1.46 -19.82 -4.22
CA PHE A 61 -0.04 -19.61 -3.80
C PHE A 61 0.22 -19.77 -2.31
N HIS A 62 -0.45 -19.02 -1.43
CA HIS A 62 -0.16 -19.06 0.04
C HIS A 62 -0.39 -20.45 0.58
N MET A 63 -1.35 -21.18 0.04
CA MET A 63 -1.70 -22.43 0.67
C MET A 63 -0.89 -23.61 0.16
N SER A 64 -0.17 -23.41 -0.94
CA SER A 64 0.63 -24.52 -1.50
C SER A 64 2.14 -24.34 -1.28
N ILE A 65 2.60 -23.13 -0.97
CA ILE A 65 4.03 -22.90 -0.77
C ILE A 65 4.56 -23.65 0.52
N THR A 66 5.74 -24.27 0.41
CA THR A 66 6.33 -25.15 1.50
C THR A 66 7.39 -24.42 2.33
N PRO A 67 7.65 -24.90 3.56
CA PRO A 67 8.73 -24.28 4.34
C PRO A 67 10.09 -24.23 3.60
N GLU A 68 10.41 -25.25 2.80
CA GLU A 68 11.68 -25.25 2.04
C GLU A 68 11.74 -24.06 1.07
N GLU A 69 10.64 -23.82 0.34
CA GLU A 69 10.53 -22.71 -0.65
C GLU A 69 10.63 -21.35 0.03
N LYS A 70 10.02 -21.20 1.23
CA LYS A 70 10.10 -19.92 2.02
C LYS A 70 11.54 -19.54 2.47
N TRP A 71 12.35 -20.50 2.96
CA TRP A 71 13.81 -20.20 3.21
C TRP A 71 14.48 -19.75 1.90
N ASP A 72 14.21 -20.47 0.82
CA ASP A 72 14.88 -20.18 -0.52
C ASP A 72 14.55 -18.78 -1.13
N LEU A 73 13.34 -18.23 -0.76
CA LEU A 73 12.87 -16.90 -1.16
C LEU A 73 13.01 -15.79 -0.06
N ALA A 74 13.51 -16.12 1.14
CA ALA A 74 13.46 -15.20 2.29
C ALA A 74 14.29 -13.89 2.18
N ILE A 75 13.75 -12.78 2.71
CA ILE A 75 14.52 -11.52 2.83
C ILE A 75 15.64 -11.67 3.87
N ARG A 76 16.56 -10.71 3.87
CA ARG A 76 17.72 -10.65 4.78
C ARG A 76 17.46 -10.77 6.26
N ALA A 77 16.32 -10.22 6.71
CA ALA A 77 15.96 -10.27 8.12
C ALA A 77 15.77 -11.74 8.65
N TYR A 78 15.46 -12.66 7.73
CA TYR A 78 15.23 -14.11 8.03
C TYR A 78 16.38 -15.01 7.55
N ASN A 79 17.14 -14.59 6.55
CA ASN A 79 18.17 -15.47 5.93
C ASN A 79 19.39 -14.59 5.61
N LYS A 80 20.44 -14.68 6.43
CA LYS A 80 21.72 -13.91 6.27
C LYS A 80 22.42 -14.14 4.90
N GLU A 81 22.05 -15.20 4.17
CA GLU A 81 22.69 -15.49 2.85
C GLU A 81 22.23 -14.47 1.76
N HIS A 82 21.11 -13.83 2.01
CA HIS A 82 20.43 -13.08 0.95
C HIS A 82 20.63 -11.55 1.22
N GLN A 83 21.90 -11.09 1.24
CA GLN A 83 22.18 -9.68 1.59
C GLN A 83 21.50 -8.63 0.65
N ASP A 84 21.28 -8.99 -0.61
CA ASP A 84 20.63 -8.05 -1.61
C ASP A 84 19.12 -7.92 -1.38
N GLN A 85 18.52 -8.80 -0.56
CA GLN A 85 17.04 -8.76 -0.41
C GLN A 85 16.59 -8.01 0.84
N VAL A 86 16.50 -6.68 0.74
CA VAL A 86 16.01 -5.86 1.82
C VAL A 86 14.49 -5.69 1.71
N ARG A 87 13.97 -5.50 0.48
CA ARG A 87 12.48 -5.30 0.24
C ARG A 87 11.69 -6.55 -0.32
N ALA A 88 12.24 -7.16 -1.36
CA ALA A 88 11.52 -8.18 -2.18
C ALA A 88 11.82 -9.57 -1.67
N GLY A 89 10.76 -10.40 -1.62
CA GLY A 89 10.89 -11.84 -1.22
C GLY A 89 9.90 -12.24 -0.12
N TYR A 90 10.21 -13.35 0.59
CA TYR A 90 9.25 -13.91 1.59
C TYR A 90 9.59 -13.43 3.01
N TYR A 91 8.54 -13.10 3.77
CA TYR A 91 8.64 -12.64 5.17
C TYR A 91 7.94 -13.75 6.01
N LEU A 92 8.72 -14.51 6.77
CA LEU A 92 8.25 -15.76 7.43
C LEU A 92 7.43 -15.49 8.70
N SER A 93 6.42 -16.37 8.94
CA SER A 93 5.82 -16.50 10.28
C SER A 93 6.78 -17.14 11.30
N ILE A 94 6.47 -17.00 12.59
CA ILE A 94 7.24 -17.69 13.65
C ILE A 94 6.20 -18.41 14.51
N PRO A 95 5.92 -19.71 14.25
CA PRO A 95 4.85 -20.35 15.03
C PRO A 95 5.09 -20.24 16.56
N GLY A 96 4.02 -19.93 17.29
CA GLY A 96 4.13 -19.62 18.75
C GLY A 96 4.39 -18.16 19.14
N LYS A 97 4.85 -17.33 18.17
CA LYS A 97 5.25 -15.92 18.43
C LYS A 97 4.71 -14.81 17.48
N LYS A 98 4.72 -15.10 16.19
CA LYS A 98 4.34 -14.18 15.14
C LYS A 98 3.40 -14.91 14.12
N ALA A 99 2.16 -14.47 14.02
CA ALA A 99 1.15 -15.08 13.09
C ALA A 99 1.29 -14.68 11.61
N VAL A 100 1.49 -13.38 11.38
CA VAL A 100 1.54 -12.85 9.98
C VAL A 100 2.71 -13.37 9.12
N GLU A 101 2.45 -13.53 7.81
CA GLU A 101 3.53 -13.86 6.80
C GLU A 101 3.12 -13.26 5.43
N SER A 102 4.13 -13.05 4.57
CA SER A 102 3.77 -12.29 3.34
C SER A 102 4.82 -12.48 2.25
N PHE A 103 4.47 -12.10 1.01
CA PHE A 103 5.39 -12.02 -0.14
C PHE A 103 5.38 -10.66 -0.79
N CYS A 104 6.53 -9.98 -0.94
CA CYS A 104 6.61 -8.65 -1.59
C CYS A 104 7.34 -8.72 -2.94
N TYR A 105 6.83 -8.01 -3.96
CA TYR A 105 7.52 -7.87 -5.25
C TYR A 105 7.40 -6.40 -5.76
N LEU A 106 8.42 -6.04 -6.54
CA LEU A 106 8.61 -4.67 -7.03
C LEU A 106 8.32 -4.59 -8.53
N ASN A 107 8.60 -3.42 -9.10
CA ASN A 107 8.51 -3.23 -10.57
C ASN A 107 9.15 -4.43 -11.43
N PRO A 108 8.37 -5.13 -12.28
CA PRO A 108 8.94 -6.21 -13.19
C PRO A 108 9.97 -5.70 -14.19
N ASN A 109 9.98 -4.39 -14.44
CA ASN A 109 11.08 -3.78 -15.28
C ASN A 109 12.43 -3.63 -14.57
N PHE A 110 12.51 -3.89 -13.24
CA PHE A 110 13.87 -3.89 -12.54
C PHE A 110 14.54 -5.24 -12.84
N THR A 111 15.10 -5.33 -14.05
CA THR A 111 15.84 -6.51 -14.54
C THR A 111 17.36 -6.34 -14.27
N PRO A 112 18.14 -7.41 -14.48
CA PRO A 112 19.57 -7.23 -14.15
C PRO A 112 20.29 -6.18 -14.99
N ASP A 113 19.77 -5.90 -16.19
CA ASP A 113 20.33 -4.86 -17.07
C ASP A 113 19.74 -3.45 -16.81
N HIS A 114 18.83 -3.27 -15.83
CA HIS A 114 18.25 -1.90 -15.58
C HIS A 114 19.37 -0.95 -15.00
N PRO A 115 19.48 0.29 -15.53
CA PRO A 115 20.59 1.14 -15.04
C PRO A 115 20.65 1.35 -13.47
N ARG A 116 19.50 1.31 -12.79
CA ARG A 116 19.50 1.57 -11.34
C ARG A 116 19.93 0.29 -10.55
N ILE A 117 19.66 -0.88 -11.13
CA ILE A 117 20.15 -2.16 -10.56
C ILE A 117 21.66 -2.30 -10.83
N GLN A 118 22.11 -1.91 -12.03
CA GLN A 118 23.58 -1.89 -12.35
C GLN A 118 24.35 -0.99 -11.33
N ALA A 119 23.78 0.16 -10.98
CA ALA A 119 24.46 1.13 -10.06
C ALA A 119 24.29 0.79 -8.58
N LYS A 120 23.50 -0.23 -8.30
CA LYS A 120 23.19 -0.64 -6.89
C LYS A 120 22.56 0.47 -6.04
N THR A 121 21.59 1.18 -6.63
CA THR A 121 20.96 2.30 -5.96
C THR A 121 20.04 1.75 -4.87
N PRO A 122 20.09 2.29 -3.62
CA PRO A 122 19.21 1.83 -2.49
C PRO A 122 17.71 1.77 -2.93
N THR A 123 16.94 0.79 -2.39
CA THR A 123 15.46 0.58 -2.64
C THR A 123 15.10 -0.12 -4.02
N HIS A 124 16.06 -0.24 -4.94
CA HIS A 124 15.88 -1.02 -6.22
C HIS A 124 16.43 -2.45 -6.09
N GLU A 125 15.62 -3.47 -6.42
CA GLU A 125 16.04 -4.90 -6.37
C GLU A 125 15.39 -5.66 -7.55
N VAL A 126 16.04 -6.74 -8.00
CA VAL A 126 15.39 -7.71 -8.96
C VAL A 126 14.52 -8.69 -8.18
N ASN A 127 13.23 -8.82 -8.57
CA ASN A 127 12.28 -9.72 -7.90
C ASN A 127 12.77 -11.14 -7.85
N VAL A 128 12.38 -11.92 -6.80
CA VAL A 128 12.65 -13.40 -6.76
C VAL A 128 11.30 -14.12 -6.90
N TRP A 129 11.29 -15.30 -7.55
CA TRP A 129 9.99 -16.08 -7.81
C TRP A 129 10.16 -17.54 -7.46
N PRO A 130 9.06 -18.21 -7.06
CA PRO A 130 9.17 -19.66 -6.85
C PRO A 130 9.33 -20.43 -8.19
N ASP A 131 9.68 -21.70 -8.08
CA ASP A 131 9.82 -22.57 -9.27
C ASP A 131 8.52 -22.63 -10.16
N GLU A 132 8.63 -22.47 -11.51
CA GLU A 132 7.42 -22.50 -12.39
C GLU A 132 6.63 -23.84 -12.33
N THR A 133 7.36 -24.96 -12.29
CA THR A 133 6.66 -26.27 -12.30
C THR A 133 5.86 -26.48 -11.01
N LYS A 134 6.31 -25.91 -9.88
CA LYS A 134 5.56 -26.01 -8.61
C LYS A 134 4.39 -25.02 -8.50
N HIS A 135 4.48 -23.91 -9.24
CA HIS A 135 3.50 -22.79 -9.14
C HIS A 135 3.08 -22.31 -10.56
N PRO A 136 2.50 -23.22 -11.37
CA PRO A 136 2.31 -22.94 -12.80
C PRO A 136 1.46 -21.68 -13.03
N GLY A 137 1.93 -20.78 -13.88
CA GLY A 137 1.13 -19.57 -14.15
C GLY A 137 1.25 -18.45 -13.10
N PHE A 138 1.88 -18.71 -11.92
CA PHE A 138 1.84 -17.64 -10.80
C PHE A 138 2.64 -16.31 -11.14
N GLN A 139 3.88 -16.45 -11.55
CA GLN A 139 4.73 -15.29 -11.84
C GLN A 139 4.02 -14.49 -12.98
N ASP A 140 3.52 -15.16 -14.01
CA ASP A 140 2.87 -14.36 -15.12
C ASP A 140 1.58 -13.65 -14.64
N PHE A 141 0.74 -14.32 -13.83
CA PHE A 141 -0.42 -13.68 -13.17
C PHE A 141 -0.01 -12.45 -12.32
N ALA A 142 1.01 -12.62 -11.47
CA ALA A 142 1.44 -11.57 -10.54
C ALA A 142 2.00 -10.36 -11.32
N GLU A 143 2.83 -10.59 -12.35
CA GLU A 143 3.32 -9.45 -13.16
C GLU A 143 2.20 -8.71 -13.88
N GLN A 144 1.23 -9.48 -14.41
CA GLN A 144 0.10 -8.84 -15.08
C GLN A 144 -0.75 -7.98 -14.04
N TYR A 145 -0.94 -8.52 -12.81
CA TYR A 145 -1.64 -7.78 -11.76
C TYR A 145 -0.96 -6.45 -11.42
N TYR A 146 0.39 -6.44 -11.37
CA TYR A 146 1.12 -5.18 -11.11
C TYR A 146 0.69 -4.09 -12.16
N TRP A 147 0.60 -4.47 -13.43
CA TRP A 147 0.26 -3.48 -14.45
C TRP A 147 -1.24 -3.08 -14.36
N ASP A 148 -2.12 -4.03 -14.02
CA ASP A 148 -3.54 -3.70 -13.83
C ASP A 148 -3.74 -2.69 -12.71
N VAL A 149 -3.09 -2.91 -11.52
CA VAL A 149 -3.29 -1.96 -10.37
C VAL A 149 -2.47 -0.66 -10.63
N PHE A 150 -1.38 -0.74 -11.39
CA PHE A 150 -0.65 0.48 -11.82
C PHE A 150 -1.61 1.38 -12.63
N GLY A 151 -2.30 0.81 -13.61
CA GLY A 151 -3.29 1.53 -14.41
C GLY A 151 -4.45 2.20 -13.61
N LEU A 152 -5.03 1.46 -12.68
CA LEU A 152 -5.98 2.06 -11.69
C LEU A 152 -5.36 3.23 -10.90
N SER A 153 -4.15 3.06 -10.38
CA SER A 153 -3.47 4.09 -9.55
C SER A 153 -3.17 5.39 -10.36
N SER A 154 -2.80 5.23 -11.64
CA SER A 154 -2.56 6.40 -12.49
C SER A 154 -3.88 7.20 -12.66
N ALA A 155 -4.99 6.50 -12.86
CA ALA A 155 -6.31 7.21 -12.92
C ALA A 155 -6.63 7.96 -11.58
N LEU A 156 -6.47 7.26 -10.43
CA LEU A 156 -6.68 7.88 -9.12
C LEU A 156 -5.80 9.14 -8.90
N LEU A 157 -4.55 9.03 -9.24
CA LEU A 157 -3.66 10.20 -9.19
C LEU A 157 -4.14 11.40 -10.05
N LYS A 158 -4.83 11.17 -11.18
CA LYS A 158 -5.45 12.26 -11.96
C LYS A 158 -6.55 12.97 -11.08
N GLY A 159 -7.32 12.18 -10.34
CA GLY A 159 -8.42 12.75 -9.50
C GLY A 159 -7.85 13.55 -8.31
N TYR A 160 -6.83 13.04 -7.63
CA TYR A 160 -6.12 13.87 -6.58
C TYR A 160 -5.51 15.18 -7.06
N ALA A 161 -4.79 15.18 -8.22
CA ALA A 161 -4.29 16.43 -8.82
C ALA A 161 -5.44 17.48 -9.07
N LEU A 162 -6.54 17.03 -9.70
CA LEU A 162 -7.66 17.94 -9.94
C LEU A 162 -8.21 18.50 -8.62
N ALA A 163 -8.27 17.64 -7.61
CA ALA A 163 -8.89 17.99 -6.29
C ALA A 163 -8.09 19.14 -5.62
N LEU A 164 -6.78 19.16 -5.87
CA LEU A 164 -5.88 20.13 -5.23
C LEU A 164 -5.70 21.44 -6.08
N GLY A 165 -6.51 21.56 -7.14
CA GLY A 165 -6.40 22.75 -8.05
C GLY A 165 -5.31 22.71 -9.08
N LYS A 166 -4.78 21.51 -9.37
CA LYS A 166 -3.63 21.38 -10.34
C LYS A 166 -4.08 20.74 -11.67
N GLU A 167 -3.26 20.76 -12.74
CA GLU A 167 -3.58 19.94 -13.99
C GLU A 167 -3.50 18.43 -13.72
N GLU A 168 -4.15 17.60 -14.55
CA GLU A 168 -4.42 16.20 -14.12
C GLU A 168 -3.13 15.35 -14.10
N ASN A 169 -2.07 15.80 -14.82
CA ASN A 169 -0.81 15.02 -14.76
C ASN A 169 0.19 15.50 -13.68
N PHE A 170 -0.25 16.31 -12.72
CA PHE A 170 0.68 16.86 -11.68
C PHE A 170 1.51 15.74 -10.92
N PHE A 171 0.81 14.71 -10.45
CA PHE A 171 1.45 13.50 -9.79
C PHE A 171 1.86 12.42 -10.84
N ALA A 172 0.94 12.14 -11.78
CA ALA A 172 1.12 11.01 -12.71
C ALA A 172 2.37 11.11 -13.59
N ARG A 173 2.81 12.36 -13.91
CA ARG A 173 4.07 12.60 -14.64
C ARG A 173 5.31 11.95 -13.98
N HIS A 174 5.29 11.83 -12.63
CA HIS A 174 6.36 11.25 -11.79
C HIS A 174 6.15 9.74 -11.51
N PHE A 175 5.12 9.13 -12.14
CA PHE A 175 4.73 7.69 -11.84
C PHE A 175 4.76 6.91 -13.17
N LYS A 176 5.93 6.32 -13.49
CA LYS A 176 6.22 5.76 -14.82
C LYS A 176 6.63 4.31 -14.77
N PRO A 177 6.19 3.49 -15.77
CA PRO A 177 6.55 2.03 -15.84
C PRO A 177 8.05 1.79 -15.73
N ASP A 178 8.88 2.64 -16.37
CA ASP A 178 10.33 2.30 -16.39
C ASP A 178 11.05 2.55 -15.03
N ASP A 179 10.43 3.28 -14.06
CA ASP A 179 11.20 3.63 -12.80
C ASP A 179 10.45 3.69 -11.49
N THR A 180 9.13 3.42 -11.52
CA THR A 180 8.38 3.52 -10.22
C THR A 180 8.97 2.55 -9.14
N LEU A 181 9.04 3.04 -7.88
CA LEU A 181 9.43 2.30 -6.68
C LEU A 181 8.22 1.64 -6.06
N ALA A 182 7.06 1.67 -6.74
CA ALA A 182 5.82 1.00 -6.17
C ALA A 182 5.97 -0.51 -5.88
N SER A 183 5.27 -1.00 -4.85
CA SER A 183 5.37 -2.42 -4.46
C SER A 183 3.95 -3.05 -4.22
N VAL A 184 3.84 -4.35 -4.49
CA VAL A 184 2.67 -5.23 -4.08
C VAL A 184 3.12 -6.08 -2.90
N VAL A 185 2.28 -6.19 -1.86
CA VAL A 185 2.52 -7.15 -0.82
C VAL A 185 1.31 -8.09 -0.71
N LEU A 186 1.55 -9.41 -0.74
CA LEU A 186 0.47 -10.44 -0.60
C LEU A 186 0.56 -10.95 0.86
N ILE A 187 -0.22 -10.32 1.79
CA ILE A 187 -0.17 -10.65 3.24
C ILE A 187 -1.19 -11.76 3.55
N ARG A 188 -0.74 -12.81 4.24
CA ARG A 188 -1.66 -13.81 4.75
C ARG A 188 -1.82 -13.60 6.27
N TYR A 189 -3.07 -13.35 6.74
CA TYR A 189 -3.35 -13.37 8.21
C TYR A 189 -4.12 -14.66 8.44
N PRO A 190 -3.55 -15.60 9.23
CA PRO A 190 -4.08 -16.96 9.32
C PRO A 190 -5.12 -17.14 10.44
N TYR A 191 -6.03 -18.11 10.27
CA TYR A 191 -6.76 -18.68 11.43
C TYR A 191 -5.76 -19.62 12.21
N LEU A 192 -5.72 -19.51 13.54
CA LEU A 192 -4.88 -20.41 14.38
C LEU A 192 -5.67 -20.90 15.60
N ASP A 193 -5.56 -22.20 15.88
CA ASP A 193 -6.17 -22.81 17.05
C ASP A 193 -5.15 -23.72 17.74
N PRO A 194 -4.60 -23.29 18.90
CA PRO A 194 -4.74 -22.02 19.63
C PRO A 194 -3.93 -20.84 19.01
N TYR A 195 -4.43 -19.61 19.22
CA TYR A 195 -3.74 -18.39 18.75
C TYR A 195 -2.75 -17.93 19.84
N PRO A 196 -1.45 -17.83 19.50
CA PRO A 196 -0.41 -17.45 20.47
C PRO A 196 -0.57 -15.99 20.94
N GLU A 197 -0.58 -15.81 22.27
CA GLU A 197 -0.73 -14.51 22.90
C GLU A 197 0.44 -13.57 22.59
N ALA A 198 1.62 -14.13 22.34
CA ALA A 198 2.76 -13.29 21.94
C ALA A 198 2.54 -12.57 20.60
N ALA A 199 1.58 -13.08 19.79
CA ALA A 199 1.25 -12.44 18.51
C ALA A 199 0.13 -11.39 18.60
N ILE A 200 -0.36 -11.17 19.82
CA ILE A 200 -1.42 -10.16 20.09
C ILE A 200 -0.84 -8.99 20.91
N LYS A 201 -0.97 -7.77 20.36
CA LYS A 201 -0.56 -6.53 21.08
C LYS A 201 -1.79 -5.89 21.74
N THR A 202 -1.59 -5.04 22.78
CA THR A 202 -2.78 -4.38 23.46
C THR A 202 -2.60 -2.86 23.42
N ALA A 203 -3.59 -2.12 22.88
CA ALA A 203 -3.51 -0.66 22.79
C ALA A 203 -3.70 0.02 24.15
N ALA A 204 -3.39 1.30 24.26
CA ALA A 204 -3.62 2.01 25.58
C ALA A 204 -5.09 1.96 26.05
N ASP A 205 -6.02 1.90 25.10
CA ASP A 205 -7.44 1.82 25.40
C ASP A 205 -7.99 0.39 25.57
N GLY A 206 -7.09 -0.60 25.59
CA GLY A 206 -7.46 -1.99 25.83
C GLY A 206 -7.81 -2.83 24.60
N THR A 207 -7.82 -2.21 23.41
CA THR A 207 -8.17 -2.95 22.16
C THR A 207 -7.06 -3.94 21.75
N LYS A 208 -7.40 -5.21 21.53
CA LYS A 208 -6.46 -6.22 21.02
C LYS A 208 -6.12 -6.02 19.51
N LEU A 209 -4.81 -5.95 19.22
CA LEU A 209 -4.32 -5.59 17.83
C LEU A 209 -3.41 -6.65 17.21
N SER A 210 -3.34 -6.70 15.86
CA SER A 210 -2.33 -7.46 15.11
C SER A 210 -1.21 -6.48 14.64
N PHE A 211 -1.51 -5.18 14.41
CA PHE A 211 -0.47 -4.20 13.96
C PHE A 211 -0.86 -2.82 14.59
N GLU A 212 0.12 -2.12 15.24
CA GLU A 212 -0.08 -0.84 15.95
C GLU A 212 -0.38 0.38 15.08
N TRP A 213 -0.77 1.45 15.77
CA TRP A 213 -0.99 2.76 15.09
C TRP A 213 0.19 3.24 14.27
N HIS A 214 -0.14 3.81 13.10
CA HIS A 214 0.89 4.29 12.16
C HIS A 214 0.26 5.20 11.13
N GLU A 215 1.10 6.00 10.44
CA GLU A 215 0.74 6.63 9.13
C GLU A 215 1.49 5.81 8.05
N ASP A 216 0.99 5.80 6.80
CA ASP A 216 1.63 4.99 5.75
C ASP A 216 2.87 5.69 5.14
N VAL A 217 3.82 4.86 4.71
CA VAL A 217 4.94 5.37 3.90
C VAL A 217 4.60 5.16 2.35
N SER A 218 4.01 6.20 1.74
CA SER A 218 3.53 6.16 0.35
C SER A 218 3.11 7.58 -0.04
N LEU A 219 2.85 7.75 -1.33
CA LEU A 219 2.03 8.93 -1.74
C LEU A 219 0.53 8.67 -1.52
N ILE A 220 0.02 7.59 -2.15
CA ILE A 220 -1.30 6.98 -1.74
C ILE A 220 -1.15 5.45 -1.64
N THR A 221 -2.11 4.82 -0.95
CA THR A 221 -2.13 3.39 -0.86
C THR A 221 -3.45 2.86 -1.44
N VAL A 222 -3.38 1.71 -2.13
CA VAL A 222 -4.49 1.17 -2.94
C VAL A 222 -4.69 -0.28 -2.54
N LEU A 223 -5.71 -0.54 -1.73
CA LEU A 223 -5.76 -1.84 -0.94
C LEU A 223 -6.97 -2.75 -1.26
N TYR A 224 -6.75 -4.02 -1.63
CA TYR A 224 -7.83 -5.06 -1.59
C TYR A 224 -7.72 -5.85 -0.22
N GLN A 225 -8.87 -6.06 0.45
CA GLN A 225 -8.98 -7.02 1.58
C GLN A 225 -10.20 -7.97 1.44
N SER A 226 -10.09 -9.15 2.07
CA SER A 226 -11.24 -10.06 2.28
C SER A 226 -12.36 -9.39 3.02
N ASN A 227 -13.50 -10.07 3.07
CA ASN A 227 -14.67 -9.52 3.78
C ASN A 227 -14.67 -9.89 5.24
N VAL A 228 -13.64 -9.47 6.00
CA VAL A 228 -13.62 -9.70 7.48
C VAL A 228 -13.23 -8.35 8.06
N GLN A 229 -14.14 -7.75 8.82
CA GLN A 229 -13.86 -6.42 9.44
C GLN A 229 -12.65 -6.41 10.39
N ASN A 230 -11.72 -5.44 10.21
CA ASN A 230 -10.57 -5.32 11.17
C ASN A 230 -9.93 -3.94 11.28
N LEU A 231 -10.02 -3.09 10.26
CA LEU A 231 -9.31 -1.76 10.28
C LEU A 231 -10.05 -0.67 11.14
N GLN A 232 -9.25 0.14 11.84
CA GLN A 232 -9.75 1.33 12.58
C GLN A 232 -8.93 2.59 12.22
N VAL A 233 -9.60 3.75 12.27
CA VAL A 233 -9.03 5.08 11.97
C VAL A 233 -9.19 6.04 13.15
N GLU A 234 -8.11 6.71 13.54
CA GLU A 234 -8.20 7.82 14.54
C GLU A 234 -8.82 9.10 13.92
N THR A 235 -9.89 9.61 14.55
CA THR A 235 -10.54 10.89 14.16
C THR A 235 -10.63 11.76 15.43
N ALA A 236 -11.15 12.99 15.30
CA ALA A 236 -11.32 13.89 16.49
C ALA A 236 -12.28 13.30 17.49
N ALA A 237 -13.16 12.39 17.01
CA ALA A 237 -14.07 11.64 17.89
C ALA A 237 -13.51 10.33 18.44
N GLY A 238 -12.21 10.03 18.20
CA GLY A 238 -11.60 8.83 18.78
C GLY A 238 -11.40 7.79 17.66
N TYR A 239 -11.01 6.56 18.00
CA TYR A 239 -10.89 5.48 16.97
C TYR A 239 -12.27 5.00 16.51
N GLN A 240 -12.45 4.87 15.18
CA GLN A 240 -13.67 4.40 14.50
C GLN A 240 -13.46 3.17 13.65
N ASP A 241 -14.47 2.30 13.54
CA ASP A 241 -14.32 1.11 12.62
C ASP A 241 -14.54 1.40 11.07
N ILE A 242 -13.62 0.89 10.21
CA ILE A 242 -13.85 0.91 8.74
C ILE A 242 -14.55 -0.40 8.28
N GLU A 243 -15.75 -0.27 7.70
CA GLU A 243 -16.39 -1.47 7.23
C GLU A 243 -15.61 -2.16 6.05
N ALA A 244 -15.66 -3.50 6.01
CA ALA A 244 -15.06 -4.28 4.91
C ALA A 244 -15.92 -4.18 3.61
N ASP A 245 -15.27 -4.34 2.46
CA ASP A 245 -15.99 -4.47 1.14
C ASP A 245 -15.00 -5.19 0.15
N ASP A 246 -15.18 -6.46 -0.06
CA ASP A 246 -14.30 -7.25 -0.95
C ASP A 246 -14.62 -7.11 -2.46
N THR A 247 -15.40 -6.11 -2.82
CA THR A 247 -15.63 -5.78 -4.23
C THR A 247 -14.96 -4.50 -4.69
N GLY A 248 -14.44 -3.71 -3.74
CA GLY A 248 -13.80 -2.40 -4.08
C GLY A 248 -12.37 -2.34 -3.59
N TYR A 249 -11.73 -1.19 -3.83
CA TYR A 249 -10.39 -0.86 -3.30
C TYR A 249 -10.42 0.27 -2.26
N LEU A 250 -9.89 0.00 -1.06
CA LEU A 250 -9.81 1.08 -0.01
C LEU A 250 -8.60 2.00 -0.28
N ILE A 251 -8.85 3.28 -0.36
CA ILE A 251 -7.78 4.27 -0.69
C ILE A 251 -7.56 5.21 0.51
N ASN A 252 -6.27 5.59 0.76
CA ASN A 252 -5.90 6.69 1.69
C ASN A 252 -4.53 7.29 1.29
N CYS A 253 -4.24 8.47 1.84
CA CYS A 253 -2.96 9.18 1.60
C CYS A 253 -1.92 8.72 2.61
N GLY A 254 -0.63 8.66 2.13
CA GLY A 254 0.51 8.45 3.07
C GLY A 254 1.27 9.81 3.33
N SER A 255 2.33 9.72 4.11
CA SER A 255 2.96 10.89 4.67
C SER A 255 3.70 11.74 3.62
N TYR A 256 3.96 11.18 2.42
CA TYR A 256 4.50 12.06 1.37
C TYR A 256 3.46 13.08 0.91
N MET A 257 2.21 12.62 0.74
CA MET A 257 1.15 13.57 0.40
C MET A 257 0.90 14.66 1.49
N ALA A 258 0.94 14.28 2.77
CA ALA A 258 0.86 15.27 3.87
C ALA A 258 2.01 16.29 3.79
N HIS A 259 3.21 15.81 3.52
CA HIS A 259 4.34 16.79 3.31
C HIS A 259 4.08 17.83 2.18
N LEU A 260 3.70 17.37 0.98
CA LEU A 260 3.61 18.25 -0.23
C LEU A 260 2.47 19.24 -0.07
N THR A 261 1.43 18.86 0.68
CA THR A 261 0.20 19.71 0.83
C THR A 261 0.14 20.51 2.17
N ASN A 262 1.27 20.54 2.92
CA ASN A 262 1.37 21.19 4.27
C ASN A 262 0.25 20.74 5.20
N ASN A 263 0.03 19.41 5.22
CA ASN A 263 -0.99 18.78 6.09
C ASN A 263 -2.45 19.17 5.73
N TYR A 264 -2.71 19.77 4.56
CA TYR A 264 -4.12 19.93 4.03
C TYR A 264 -4.80 18.57 3.81
N TYR A 265 -4.09 17.64 3.15
CA TYR A 265 -4.55 16.20 3.10
C TYR A 265 -3.67 15.41 4.07
N LYS A 266 -4.11 15.24 5.31
CA LYS A 266 -3.32 14.50 6.31
C LYS A 266 -3.16 12.97 5.93
N ALA A 267 -2.07 12.37 6.41
CA ALA A 267 -1.87 10.93 6.35
C ALA A 267 -2.68 10.35 7.54
N PRO A 268 -3.86 9.68 7.32
CA PRO A 268 -4.63 9.28 8.55
C PRO A 268 -3.91 8.23 9.38
N ILE A 269 -3.98 8.38 10.73
CA ILE A 269 -3.46 7.35 11.64
C ILE A 269 -4.45 6.21 11.69
N HIS A 270 -3.96 4.99 11.53
CA HIS A 270 -4.82 3.78 11.51
C HIS A 270 -4.13 2.56 12.10
N ARG A 271 -4.89 1.52 12.44
CA ARG A 271 -4.30 0.32 13.08
C ARG A 271 -5.15 -0.89 12.68
N VAL A 272 -4.67 -2.08 13.02
CA VAL A 272 -5.28 -3.38 12.63
C VAL A 272 -5.72 -4.13 13.89
N LYS A 273 -7.04 -4.33 14.07
CA LYS A 273 -7.50 -5.17 15.20
C LYS A 273 -7.16 -6.65 14.96
N TRP A 274 -6.91 -7.36 16.08
CA TRP A 274 -6.73 -8.79 16.10
C TRP A 274 -8.10 -9.48 15.83
N VAL A 275 -8.14 -10.35 14.82
CA VAL A 275 -9.38 -11.20 14.52
C VAL A 275 -8.88 -12.61 14.23
N ASN A 276 -9.43 -13.67 14.88
CA ASN A 276 -8.93 -15.07 14.55
C ASN A 276 -9.71 -15.65 13.35
N ALA A 277 -9.34 -15.20 12.14
CA ALA A 277 -10.00 -15.57 10.87
C ALA A 277 -8.93 -15.65 9.73
N GLU A 278 -9.10 -16.60 8.79
CA GLU A 278 -8.17 -16.76 7.63
C GLU A 278 -8.54 -15.70 6.60
N ARG A 279 -7.62 -14.76 6.32
CA ARG A 279 -7.96 -13.61 5.50
C ARG A 279 -6.74 -13.04 4.73
N GLN A 280 -7.02 -12.11 3.81
CA GLN A 280 -5.97 -11.49 2.91
C GLN A 280 -5.91 -9.97 3.04
N SER A 281 -4.70 -9.42 3.14
CA SER A 281 -4.52 -7.93 3.06
C SER A 281 -3.47 -7.68 1.94
N LEU A 282 -3.89 -7.06 0.80
CA LEU A 282 -3.10 -7.04 -0.46
C LEU A 282 -2.90 -5.58 -0.89
N PRO A 283 -2.01 -4.83 -0.18
CA PRO A 283 -1.73 -3.44 -0.58
C PRO A 283 -0.81 -3.24 -1.80
N PHE A 284 -1.14 -2.21 -2.57
CA PHE A 284 -0.24 -1.60 -3.58
C PHE A 284 0.17 -0.21 -3.01
N PHE A 285 1.46 -0.02 -2.71
CA PHE A 285 1.98 1.25 -2.28
C PHE A 285 2.43 2.07 -3.47
N VAL A 286 1.72 3.21 -3.70
CA VAL A 286 2.00 4.08 -4.86
C VAL A 286 3.22 4.98 -4.50
N ASN A 287 4.42 4.58 -4.96
CA ASN A 287 5.67 5.34 -4.76
C ASN A 287 6.13 5.93 -6.14
N LEU A 288 6.85 7.06 -6.12
CA LEU A 288 7.34 7.76 -7.36
C LEU A 288 8.73 7.18 -7.73
N GLY A 289 9.54 7.91 -8.48
CA GLY A 289 10.91 7.44 -8.86
C GLY A 289 11.89 7.98 -7.85
N TYR A 290 13.11 7.45 -7.89
CA TYR A 290 14.10 7.72 -6.81
C TYR A 290 14.48 9.22 -6.68
N ASP A 291 14.60 9.87 -7.84
CA ASP A 291 15.00 11.28 -7.90
C ASP A 291 13.75 12.21 -8.07
N SER A 292 12.51 11.68 -8.03
CA SER A 292 11.36 12.57 -8.10
C SER A 292 11.23 13.57 -6.91
N VAL A 293 11.06 14.85 -7.25
CA VAL A 293 10.83 15.93 -6.27
C VAL A 293 9.58 16.73 -6.70
N ILE A 294 8.62 16.86 -5.80
CA ILE A 294 7.53 17.79 -6.02
C ILE A 294 7.69 18.96 -5.02
N ASP A 295 7.72 20.22 -5.51
CA ASP A 295 7.82 21.35 -4.59
C ASP A 295 6.59 21.52 -3.66
N PRO A 296 6.82 21.60 -2.32
CA PRO A 296 5.68 21.67 -1.40
C PRO A 296 4.81 22.92 -1.56
N PHE A 297 3.50 22.83 -1.31
CA PHE A 297 2.64 24.03 -1.43
C PHE A 297 1.56 23.96 -0.37
N ASP A 298 0.66 24.94 -0.31
CA ASP A 298 -0.40 25.01 0.71
C ASP A 298 -1.68 25.58 0.10
N PRO A 299 -2.63 24.69 -0.27
CA PRO A 299 -3.88 25.14 -0.90
C PRO A 299 -4.84 25.95 -0.01
N ARG A 300 -4.44 26.21 1.25
CA ARG A 300 -5.21 27.09 2.13
C ARG A 300 -4.69 28.52 2.09
N GLU A 301 -3.49 28.74 1.56
CA GLU A 301 -2.91 30.12 1.55
C GLU A 301 -3.19 30.81 0.20
N PRO A 302 -3.64 32.08 0.21
CA PRO A 302 -3.85 32.88 -1.02
C PRO A 302 -2.75 32.75 -2.09
N ASN A 303 -1.48 32.77 -1.65
CA ASN A 303 -0.36 32.65 -2.60
C ASN A 303 0.21 31.22 -2.78
N GLY A 304 -0.42 30.25 -2.11
CA GLY A 304 -0.01 28.81 -2.23
C GLY A 304 1.33 28.43 -1.61
N LYS A 305 2.07 29.41 -1.05
CA LYS A 305 3.46 29.15 -0.52
C LYS A 305 3.49 28.36 0.83
N SER A 306 4.54 27.57 1.04
CA SER A 306 4.63 26.69 2.22
C SER A 306 5.96 26.92 2.94
N ASP A 307 6.03 26.76 4.28
CA ASP A 307 7.35 26.88 5.03
C ASP A 307 8.09 25.52 5.20
N ARG A 308 7.78 24.57 4.30
CA ARG A 308 8.38 23.25 4.25
C ARG A 308 9.42 23.20 3.11
N GLU A 309 10.49 22.38 3.26
CA GLU A 309 11.59 22.21 2.24
C GLU A 309 11.37 21.00 1.29
N PRO A 310 11.81 21.10 0.00
CA PRO A 310 11.66 19.93 -0.87
C PRO A 310 12.42 18.68 -0.37
N LEU A 311 11.80 17.51 -0.58
CA LEU A 311 12.34 16.21 -0.15
C LEU A 311 12.26 15.20 -1.35
N SER A 312 13.36 14.56 -1.75
CA SER A 312 13.33 13.65 -2.88
C SER A 312 12.67 12.34 -2.45
N TYR A 313 11.88 11.74 -3.35
CA TYR A 313 11.12 10.49 -3.00
C TYR A 313 12.01 9.34 -2.48
N GLY A 314 13.15 9.06 -3.15
CA GLY A 314 14.13 8.11 -2.62
C GLY A 314 14.57 8.24 -1.20
N ASP A 315 14.99 9.44 -0.80
CA ASP A 315 15.41 9.71 0.61
C ASP A 315 14.21 9.49 1.55
N TYR A 316 13.05 10.01 1.15
CA TYR A 316 11.78 9.82 1.91
C TYR A 316 11.50 8.33 2.15
N LEU A 317 11.61 7.52 1.08
CA LEU A 317 11.20 6.08 1.15
C LEU A 317 12.19 5.29 2.03
N GLN A 318 13.47 5.44 1.80
CA GLN A 318 14.45 4.67 2.59
C GLN A 318 14.34 4.92 4.10
N ASN A 319 14.30 6.18 4.51
CA ASN A 319 14.23 6.49 5.93
C ASN A 319 12.90 6.11 6.53
N GLY A 320 11.80 6.32 5.77
CA GLY A 320 10.47 5.96 6.25
C GLY A 320 10.33 4.45 6.49
N LEU A 321 10.82 3.61 5.56
CA LEU A 321 10.69 2.14 5.79
C LEU A 321 11.49 1.70 7.04
N VAL A 322 12.69 2.26 7.26
CA VAL A 322 13.48 1.93 8.48
C VAL A 322 12.76 2.37 9.75
N SER A 323 12.23 3.61 9.78
CA SER A 323 11.52 4.12 10.99
C SER A 323 10.30 3.30 11.35
N LEU A 324 9.60 2.81 10.30
CA LEU A 324 8.38 2.03 10.54
C LEU A 324 8.73 0.65 11.15
N ILE A 325 9.84 0.01 10.73
CA ILE A 325 10.32 -1.23 11.40
C ILE A 325 10.75 -0.94 12.89
N ASN A 326 11.52 0.13 13.12
CA ASN A 326 11.88 0.53 14.52
C ASN A 326 10.65 0.83 15.38
N LYS A 327 9.61 1.44 14.80
CA LYS A 327 8.38 1.80 15.58
C LYS A 327 7.51 0.60 15.93
N ASN A 328 7.08 -0.09 14.87
CA ASN A 328 6.08 -1.20 14.97
C ASN A 328 6.63 -2.64 14.80
N GLY A 329 7.91 -2.82 14.52
CA GLY A 329 8.49 -4.20 14.42
C GLY A 329 8.74 -4.79 13.02
N GLN A 330 9.66 -5.75 12.90
CA GLN A 330 9.96 -6.38 11.60
C GLN A 330 8.74 -7.28 11.29
N THR A 331 8.11 -7.06 10.14
CA THR A 331 6.95 -7.89 9.70
C THR A 331 7.39 -9.20 9.00
#